data_3KTU
#
_entry.id   3KTU
#
_cell.length_a   92.400
_cell.length_b   92.400
_cell.length_c   212.500
_cell.angle_alpha   90.00
_cell.angle_beta   90.00
_cell.angle_gamma   120.00
#
_symmetry.space_group_name_H-M   'P 65 2 2'
#
loop_
_entity.id
_entity.type
_entity.pdbx_description
1 polymer 'N-glycosylase/DNA lyase'
2 polymer "DNA (5'-D(*GP*GP*TP*AP*GP*AP*CP*CP*TP*GP*GP*AP*C)-3')"
3 polymer "DNA (5'-D(*GP*TP*CP*CP*AP*(FDG)P*GP*TP*CP*TP*AP*C)-3')"
4 non-polymer 'CALCIUM ION'
5 water water
#
loop_
_entity_poly.entity_id
_entity_poly.type
_entity_poly.pdbx_seq_one_letter_code
_entity_poly.pdbx_strand_id
1 'polypeptide(L)'
;SEFGHRTLASTPALWASIPCPRSELRLDLVLPSGQSFRWREQSPAHWSGVLADQVWTLTQTEEQLHCTVYRGDKSQASRP
TPDELEAVRKYFQLDVTLAQLYHHWGSVDSHFQEVAQKFQGVRLLRQDPIECLFSFICSSCNNIARITGMVERLCQAFGP
RLIQLDDVTYHGFPSLQALAGPEVEAHLRKLGLGYRARYVSASARAILEEQGGLAWLQQLRESSYEEAHKALCILPGVGT
KVADCICLMALDKPQAVPVDVHMWHIAQRDYSWHPTTSQAKGPSPQTNKELGNFFRSLWGPYAGWAQAVLFSADLRQ
;
A
2 'polydeoxyribonucleotide' (DG)(DG)(DT)(DA)(DG)(DA)(DC)(DC)(DT)(DG)(DG)(DA)(DC) B
3 'polydeoxyribonucleotide' (DG)(DT)(DC)(DC)(DA)(FDG)(DG)(DT)(DC)(DT)(DA)(DC) C
#
# COMPACT_ATOMS: atom_id res chain seq x y z
N SER A 1 -13.06 1.14 -29.11
CA SER A 1 -12.88 2.62 -29.21
C SER A 1 -11.46 3.04 -28.79
N GLU A 2 -10.96 4.07 -29.44
CA GLU A 2 -9.62 4.57 -29.17
C GLU A 2 -9.53 5.45 -27.92
N PHE A 3 -10.67 5.86 -27.37
CA PHE A 3 -10.66 6.75 -26.21
C PHE A 3 -11.28 6.20 -24.93
N GLY A 4 -10.96 6.86 -23.82
CA GLY A 4 -11.47 6.46 -22.52
C GLY A 4 -10.68 5.29 -21.95
N HIS A 5 -11.09 4.84 -20.76
CA HIS A 5 -10.44 3.70 -20.13
C HIS A 5 -10.83 2.43 -20.89
N ARG A 6 -9.87 1.54 -21.12
CA ARG A 6 -10.15 0.29 -21.83
C ARG A 6 -10.82 -0.74 -20.94
N THR A 7 -11.47 -1.71 -21.58
CA THR A 7 -12.08 -2.82 -20.89
C THR A 7 -11.59 -4.02 -21.69
N LEU A 8 -11.62 -5.21 -21.10
CA LEU A 8 -11.17 -6.42 -21.78
C LEU A 8 -12.01 -6.70 -23.03
N ALA A 9 -13.33 -6.54 -22.90
CA ALA A 9 -14.25 -6.78 -24.00
C ALA A 9 -14.06 -5.85 -25.20
N SER A 10 -14.02 -4.55 -24.95
CA SER A 10 -13.90 -3.56 -26.03
C SER A 10 -12.59 -3.45 -26.81
N THR A 11 -11.46 -3.75 -26.17
CA THR A 11 -10.18 -3.63 -26.87
C THR A 11 -9.33 -4.88 -26.73
N PRO A 12 -9.88 -6.02 -27.15
CA PRO A 12 -9.27 -7.36 -27.12
C PRO A 12 -7.77 -7.45 -27.34
N ALA A 13 -7.30 -6.94 -28.48
CA ALA A 13 -5.88 -7.02 -28.82
C ALA A 13 -4.91 -6.18 -27.99
N LEU A 14 -5.41 -5.31 -27.12
CA LEU A 14 -4.50 -4.47 -26.32
C LEU A 14 -4.17 -5.01 -24.93
N TRP A 15 -4.73 -6.17 -24.59
CA TRP A 15 -4.47 -6.77 -23.29
C TRP A 15 -3.59 -8.00 -23.39
N ALA A 16 -2.82 -8.25 -22.34
CA ALA A 16 -1.95 -9.40 -22.24
C ALA A 16 -2.23 -9.96 -20.85
N SER A 17 -2.09 -11.27 -20.68
CA SER A 17 -2.38 -11.85 -19.39
C SER A 17 -1.19 -12.45 -18.68
N ILE A 18 -1.39 -12.69 -17.38
CA ILE A 18 -0.39 -13.30 -16.54
C ILE A 18 -1.11 -14.40 -15.81
N PRO A 19 -0.61 -15.65 -15.91
CA PRO A 19 -1.26 -16.76 -15.22
C PRO A 19 -1.32 -16.41 -13.75
N CYS A 20 -2.52 -16.39 -13.19
CA CYS A 20 -2.67 -16.05 -11.79
C CYS A 20 -4.12 -16.34 -11.40
N PRO A 21 -4.33 -17.38 -10.59
CA PRO A 21 -5.69 -17.72 -10.19
C PRO A 21 -6.21 -16.74 -9.12
N ARG A 22 -7.52 -16.52 -9.11
CA ARG A 22 -8.11 -15.62 -8.13
C ARG A 22 -7.75 -16.01 -6.70
N SER A 23 -7.38 -17.27 -6.48
CA SER A 23 -6.99 -17.70 -5.13
C SER A 23 -5.64 -17.12 -4.71
N GLU A 24 -4.87 -16.63 -5.68
CA GLU A 24 -3.57 -16.03 -5.37
C GLU A 24 -3.63 -14.49 -5.34
N LEU A 25 -4.74 -13.93 -5.82
CA LEU A 25 -4.91 -12.48 -5.87
C LEU A 25 -6.33 -12.01 -6.20
N ARG A 26 -6.88 -11.17 -5.33
CA ARG A 26 -8.20 -10.59 -5.51
C ARG A 26 -7.99 -9.07 -5.59
N LEU A 27 -8.05 -8.53 -6.79
CA LEU A 27 -7.85 -7.09 -7.00
C LEU A 27 -8.75 -6.25 -6.09
N ASP A 28 -10.02 -6.63 -6.03
CA ASP A 28 -11.00 -5.91 -5.24
C ASP A 28 -10.74 -5.97 -3.74
N LEU A 29 -9.87 -6.88 -3.31
CA LEU A 29 -9.58 -6.99 -1.89
C LEU A 29 -8.20 -6.41 -1.55
N VAL A 30 -7.42 -6.13 -2.59
CA VAL A 30 -6.09 -5.59 -2.39
C VAL A 30 -5.98 -4.10 -2.73
N LEU A 31 -6.46 -3.74 -3.92
CA LEU A 31 -6.38 -2.37 -4.42
C LEU A 31 -7.09 -1.23 -3.68
N PRO A 32 -8.30 -1.46 -3.14
CA PRO A 32 -8.95 -0.35 -2.43
C PRO A 32 -8.88 -0.54 -0.93
N SER A 33 -8.02 -1.45 -0.48
CA SER A 33 -7.91 -1.79 0.95
C SER A 33 -7.00 -0.99 1.88
N GLY A 34 -6.49 0.14 1.42
CA GLY A 34 -5.65 0.91 2.30
C GLY A 34 -4.16 0.60 2.24
N GLN A 35 -3.71 -0.08 1.18
CA GLN A 35 -2.28 -0.37 1.01
C GLN A 35 -1.80 0.77 0.12
N SER A 36 -2.41 0.88 -1.06
CA SER A 36 -2.11 1.94 -2.01
C SER A 36 -3.41 2.73 -2.13
N PHE A 37 -3.31 4.03 -2.39
CA PHE A 37 -4.53 4.83 -2.49
C PHE A 37 -4.74 5.38 -3.88
N ARG A 38 -4.01 4.81 -4.85
CA ARG A 38 -4.05 5.33 -6.22
C ARG A 38 -4.68 4.47 -7.30
N TRP A 39 -5.53 3.53 -6.92
CA TRP A 39 -6.19 2.68 -7.90
C TRP A 39 -7.69 2.92 -7.87
N ARG A 40 -8.30 3.04 -9.04
CA ARG A 40 -9.74 3.26 -9.12
C ARG A 40 -10.41 2.34 -10.11
N GLU A 41 -11.56 1.82 -9.70
CA GLU A 41 -12.37 0.91 -10.51
C GLU A 41 -13.26 1.77 -11.40
N GLN A 42 -12.68 2.28 -12.48
CA GLN A 42 -13.39 3.15 -13.41
C GLN A 42 -14.52 2.42 -14.13
N SER A 43 -14.33 1.13 -14.35
CA SER A 43 -15.34 0.28 -14.99
C SER A 43 -15.49 -0.91 -14.05
N PRO A 44 -16.69 -1.49 -13.97
CA PRO A 44 -16.80 -2.62 -13.05
C PRO A 44 -15.72 -3.67 -13.30
N ALA A 45 -15.04 -4.06 -12.23
CA ALA A 45 -13.96 -5.06 -12.27
C ALA A 45 -12.67 -4.61 -12.98
N HIS A 46 -12.61 -3.34 -13.41
CA HIS A 46 -11.42 -2.82 -14.07
C HIS A 46 -10.79 -1.72 -13.22
N TRP A 47 -9.56 -1.93 -12.77
CA TRP A 47 -8.88 -0.97 -11.94
C TRP A 47 -7.77 -0.25 -12.67
N SER A 48 -7.72 1.07 -12.51
CA SER A 48 -6.70 1.89 -13.16
C SER A 48 -5.88 2.71 -12.16
N GLY A 49 -4.62 2.90 -12.52
CA GLY A 49 -3.71 3.66 -11.67
C GLY A 49 -2.32 3.68 -12.29
N VAL A 50 -1.35 4.24 -11.58
CA VAL A 50 0.01 4.33 -12.05
C VAL A 50 0.85 3.20 -11.48
N LEU A 51 1.62 2.54 -12.32
CA LEU A 51 2.46 1.44 -11.90
C LEU A 51 3.73 1.50 -12.73
N ALA A 52 4.86 1.61 -12.05
CA ALA A 52 6.15 1.70 -12.73
C ALA A 52 6.15 2.86 -13.73
N ASP A 53 5.79 4.04 -13.25
CA ASP A 53 5.75 5.30 -14.01
C ASP A 53 4.85 5.33 -15.26
N GLN A 54 3.85 4.46 -15.31
CA GLN A 54 2.94 4.44 -16.43
C GLN A 54 1.52 4.12 -15.94
N VAL A 55 0.52 4.43 -16.76
CA VAL A 55 -0.86 4.17 -16.39
C VAL A 55 -1.24 2.77 -16.89
N TRP A 56 -1.99 2.03 -16.07
CA TRP A 56 -2.43 0.67 -16.41
C TRP A 56 -3.89 0.48 -16.00
N THR A 57 -4.50 -0.56 -16.57
CA THR A 57 -5.85 -0.95 -16.20
C THR A 57 -5.66 -2.44 -16.01
N LEU A 58 -6.19 -2.97 -14.91
CA LEU A 58 -6.03 -4.37 -14.60
C LEU A 58 -7.38 -4.98 -14.30
N THR A 59 -7.57 -6.22 -14.72
CA THR A 59 -8.83 -6.93 -14.48
C THR A 59 -8.52 -8.43 -14.48
N GLN A 60 -9.35 -9.22 -13.79
CA GLN A 60 -9.07 -10.65 -13.75
C GLN A 60 -10.24 -11.60 -14.06
N THR A 61 -9.87 -12.77 -14.57
CA THR A 61 -10.82 -13.85 -14.85
C THR A 61 -10.41 -14.86 -13.79
N GLU A 62 -11.11 -15.99 -13.72
CA GLU A 62 -10.79 -16.99 -12.70
C GLU A 62 -9.35 -17.47 -12.69
N GLU A 63 -8.71 -17.52 -13.86
CA GLU A 63 -7.33 -18.00 -13.90
C GLU A 63 -6.28 -17.01 -14.40
N GLN A 64 -6.73 -15.87 -14.93
CA GLN A 64 -5.77 -14.91 -15.47
C GLN A 64 -5.90 -13.49 -14.93
N LEU A 65 -4.79 -12.76 -14.99
CA LEU A 65 -4.74 -11.35 -14.57
C LEU A 65 -4.48 -10.60 -15.87
N HIS A 66 -5.50 -9.94 -16.40
CA HIS A 66 -5.37 -9.20 -17.64
C HIS A 66 -4.88 -7.79 -17.41
N CYS A 67 -3.90 -7.39 -18.21
CA CYS A 67 -3.29 -6.06 -18.09
C CYS A 67 -3.22 -5.32 -19.42
N THR A 68 -3.30 -4.00 -19.34
CA THR A 68 -3.17 -3.15 -20.51
C THR A 68 -2.41 -1.91 -20.05
N VAL A 69 -1.61 -1.34 -20.95
CA VAL A 69 -0.81 -0.16 -20.61
C VAL A 69 -1.09 0.99 -21.56
N TYR A 70 -1.00 2.22 -21.03
CA TYR A 70 -1.18 3.43 -21.84
C TYR A 70 0.14 4.18 -21.72
N ARG A 71 0.92 4.17 -22.80
CA ARG A 71 2.23 4.83 -22.77
C ARG A 71 2.14 6.28 -23.21
N SER A 75 3.44 7.11 -29.23
CA SER A 75 3.64 5.78 -29.81
C SER A 75 2.32 5.04 -30.01
N GLN A 76 2.25 4.24 -31.08
CA GLN A 76 1.06 3.46 -31.39
C GLN A 76 0.67 2.55 -30.24
N ALA A 77 -0.62 2.46 -29.96
CA ALA A 77 -1.13 1.62 -28.88
C ALA A 77 -0.89 0.13 -29.15
N SER A 78 -0.42 -0.58 -28.12
CA SER A 78 -0.15 -2.02 -28.26
C SER A 78 -0.20 -2.73 -26.92
N ARG A 79 -0.18 -4.06 -27.00
CA ARG A 79 -0.20 -4.95 -25.84
C ARG A 79 1.01 -4.71 -24.95
N PRO A 80 0.90 -5.05 -23.66
CA PRO A 80 2.04 -4.87 -22.76
C PRO A 80 3.12 -5.87 -23.20
N THR A 81 4.38 -5.50 -23.04
CA THR A 81 5.47 -6.39 -23.42
C THR A 81 5.82 -7.28 -22.22
N PRO A 82 6.58 -8.37 -22.47
CA PRO A 82 6.97 -9.28 -21.39
C PRO A 82 7.67 -8.60 -20.22
N ASP A 83 8.50 -7.60 -20.51
CA ASP A 83 9.24 -6.87 -19.47
C ASP A 83 8.34 -5.95 -18.65
N GLU A 84 7.44 -5.25 -19.32
CA GLU A 84 6.52 -4.34 -18.64
C GLU A 84 5.64 -5.22 -17.74
N LEU A 85 5.22 -6.35 -18.30
CA LEU A 85 4.38 -7.31 -17.59
C LEU A 85 5.07 -7.81 -16.31
N GLU A 86 6.40 -7.92 -16.37
CA GLU A 86 7.15 -8.35 -15.22
C GLU A 86 7.07 -7.31 -14.13
N ALA A 87 6.89 -6.05 -14.53
CA ALA A 87 6.76 -4.98 -13.55
C ALA A 87 5.48 -5.21 -12.74
N VAL A 88 4.46 -5.77 -13.39
CA VAL A 88 3.22 -6.05 -12.70
C VAL A 88 3.47 -7.21 -11.72
N ARG A 89 4.14 -8.26 -12.19
CA ARG A 89 4.43 -9.40 -11.33
C ARG A 89 5.21 -8.99 -10.08
N LYS A 90 6.15 -8.06 -10.24
CA LYS A 90 6.94 -7.60 -9.12
C LYS A 90 6.09 -6.76 -8.16
N TYR A 91 5.22 -5.92 -8.71
CA TYR A 91 4.37 -5.05 -7.89
C TYR A 91 3.47 -5.88 -6.97
N PHE A 92 2.98 -7.01 -7.48
CA PHE A 92 2.12 -7.88 -6.69
C PHE A 92 2.88 -9.04 -6.02
N GLN A 93 4.21 -8.99 -6.12
CA GLN A 93 5.08 -10.01 -5.53
C GLN A 93 4.53 -11.41 -5.77
N LEU A 94 4.19 -11.67 -7.03
CA LEU A 94 3.61 -12.94 -7.44
C LEU A 94 4.44 -14.20 -7.21
N ASP A 95 5.74 -14.04 -6.93
CA ASP A 95 6.58 -15.21 -6.67
C ASP A 95 6.29 -15.75 -5.28
N VAL A 96 5.67 -14.92 -4.44
CA VAL A 96 5.30 -15.35 -3.10
C VAL A 96 3.97 -16.08 -3.23
N THR A 97 3.98 -17.38 -2.92
CA THR A 97 2.76 -18.19 -3.01
C THR A 97 1.82 -17.99 -1.82
N LEU A 98 0.67 -17.38 -2.10
CA LEU A 98 -0.31 -17.12 -1.06
C LEU A 98 -0.93 -18.40 -0.46
N ALA A 99 -1.11 -19.43 -1.28
CA ALA A 99 -1.67 -20.69 -0.79
C ALA A 99 -0.76 -21.29 0.31
N GLN A 100 0.55 -21.14 0.17
CA GLN A 100 1.50 -21.63 1.17
C GLN A 100 1.39 -20.83 2.46
N LEU A 101 1.33 -19.51 2.35
CA LEU A 101 1.21 -18.66 3.54
C LEU A 101 -0.09 -18.94 4.29
N TYR A 102 -1.22 -18.93 3.58
CA TYR A 102 -2.52 -19.19 4.21
C TYR A 102 -2.53 -20.53 4.93
N HIS A 103 -1.94 -21.53 4.31
CA HIS A 103 -1.88 -22.86 4.90
C HIS A 103 -1.17 -22.79 6.25
N HIS A 104 0.02 -22.20 6.25
CA HIS A 104 0.79 -22.08 7.47
C HIS A 104 0.09 -21.25 8.56
N TRP A 105 -0.43 -20.08 8.19
CA TRP A 105 -1.09 -19.25 9.18
C TRP A 105 -2.30 -20.00 9.75
N GLY A 106 -3.06 -20.62 8.86
CA GLY A 106 -4.22 -21.36 9.29
C GLY A 106 -3.84 -22.51 10.22
N SER A 107 -2.66 -23.09 10.02
CA SER A 107 -2.22 -24.21 10.84
C SER A 107 -1.92 -23.82 12.28
N VAL A 108 -1.30 -22.66 12.45
CA VAL A 108 -0.94 -22.19 13.78
C VAL A 108 -2.01 -21.31 14.41
N ASP A 109 -3.04 -20.95 13.65
CA ASP A 109 -4.08 -20.08 14.19
C ASP A 109 -5.45 -20.44 13.65
N SER A 110 -6.23 -21.11 14.51
CA SER A 110 -7.57 -21.55 14.14
C SER A 110 -8.51 -20.43 13.70
N HIS A 111 -8.35 -19.25 14.28
CA HIS A 111 -9.20 -18.13 13.92
C HIS A 111 -8.88 -17.70 12.49
N PHE A 112 -7.59 -17.63 12.18
CA PHE A 112 -7.20 -17.23 10.83
C PHE A 112 -7.83 -18.19 9.85
N GLN A 113 -7.79 -19.48 10.18
CA GLN A 113 -8.36 -20.52 9.33
C GLN A 113 -9.83 -20.27 8.99
N GLU A 114 -10.63 -19.89 9.99
CA GLU A 114 -12.05 -19.63 9.74
C GLU A 114 -12.30 -18.39 8.87
N VAL A 115 -11.51 -17.35 9.08
CA VAL A 115 -11.66 -16.11 8.33
C VAL A 115 -11.05 -16.18 6.93
N ALA A 116 -9.95 -16.91 6.78
CA ALA A 116 -9.26 -17.03 5.50
C ALA A 116 -10.14 -17.69 4.44
N GLN A 117 -11.03 -18.57 4.89
CA GLN A 117 -11.92 -19.28 3.99
C GLN A 117 -12.60 -18.36 2.98
N LYS A 118 -13.15 -17.25 3.46
CA LYS A 118 -13.86 -16.31 2.60
C LYS A 118 -13.03 -15.17 2.00
N PHE A 119 -11.82 -14.96 2.51
CA PHE A 119 -11.00 -13.87 1.99
C PHE A 119 -9.66 -14.30 1.44
N GLN A 120 -9.70 -15.06 0.34
CA GLN A 120 -8.49 -15.52 -0.31
C GLN A 120 -7.99 -14.43 -1.24
N GLY A 121 -6.73 -14.52 -1.63
CA GLY A 121 -6.15 -13.54 -2.53
C GLY A 121 -5.73 -12.20 -1.94
N VAL A 122 -5.58 -12.12 -0.63
CA VAL A 122 -5.13 -10.88 -0.01
C VAL A 122 -3.62 -10.97 0.19
N ARG A 123 -2.90 -10.10 -0.49
CA ARG A 123 -1.46 -10.09 -0.41
C ARG A 123 -0.99 -8.65 -0.34
N LEU A 124 0.32 -8.45 -0.19
CA LEU A 124 0.89 -7.11 -0.09
C LEU A 124 1.52 -6.62 -1.38
N LEU A 125 1.26 -5.35 -1.68
CA LEU A 125 1.83 -4.71 -2.85
C LEU A 125 3.27 -4.33 -2.51
N ARG A 126 4.16 -4.36 -3.51
CA ARG A 126 5.54 -3.92 -3.28
C ARG A 126 5.58 -2.47 -3.80
N GLN A 127 5.39 -1.54 -2.88
CA GLN A 127 5.33 -0.11 -3.21
C GLN A 127 6.62 0.70 -3.16
N ASP A 128 6.59 1.83 -3.86
CA ASP A 128 7.72 2.75 -3.89
C ASP A 128 7.75 3.41 -2.51
N PRO A 129 8.94 3.54 -1.92
CA PRO A 129 9.13 4.14 -0.60
C PRO A 129 8.64 5.59 -0.46
N ILE A 130 8.92 6.42 -1.45
CA ILE A 130 8.50 7.82 -1.40
C ILE A 130 6.99 7.93 -1.35
N GLU A 131 6.32 7.32 -2.31
CA GLU A 131 4.87 7.38 -2.34
C GLU A 131 4.29 6.81 -1.05
N CYS A 132 4.87 5.71 -0.58
CA CYS A 132 4.39 5.06 0.62
C CYS A 132 4.56 5.93 1.86
N LEU A 133 5.71 6.58 1.95
CA LEU A 133 6.02 7.45 3.08
C LEU A 133 5.05 8.61 3.20
N PHE A 134 4.84 9.30 2.08
CA PHE A 134 3.95 10.44 2.12
C PHE A 134 2.47 10.08 2.12
N SER A 135 2.11 8.97 1.48
CA SER A 135 0.71 8.57 1.51
C SER A 135 0.34 8.29 2.96
N PHE A 136 1.18 7.55 3.67
CA PHE A 136 0.86 7.25 5.04
C PHE A 136 1.05 8.39 6.03
N ILE A 137 1.84 9.40 5.66
CA ILE A 137 1.97 10.55 6.54
C ILE A 137 0.57 11.16 6.57
N CYS A 138 -0.13 11.03 5.44
CA CYS A 138 -1.49 11.55 5.30
C CYS A 138 -2.57 10.67 5.94
N SER A 139 -2.25 9.43 6.26
CA SER A 139 -3.24 8.52 6.85
C SER A 139 -3.62 8.85 8.29
N SER A 140 -2.76 9.62 8.96
CA SER A 140 -2.98 10.02 10.34
C SER A 140 -4.42 10.44 10.63
N CYS A 141 -4.98 9.91 11.72
CA CYS A 141 -6.35 10.25 12.15
C CYS A 141 -7.23 10.51 10.92
N ASN A 142 -7.24 9.55 9.99
CA ASN A 142 -7.98 9.71 8.74
C ASN A 142 -8.63 8.39 8.29
N ASN A 143 -9.57 8.49 7.35
CA ASN A 143 -10.24 7.32 6.79
C ASN A 143 -9.78 7.14 5.35
N ILE A 144 -9.93 5.94 4.82
CA ILE A 144 -9.48 5.63 3.46
C ILE A 144 -10.03 6.48 2.33
N ALA A 145 -11.32 6.79 2.35
CA ALA A 145 -11.89 7.60 1.30
C ALA A 145 -11.29 9.00 1.28
N ARG A 146 -11.10 9.60 2.45
CA ARG A 146 -10.52 10.94 2.51
C ARG A 146 -9.05 10.91 2.13
N ILE A 147 -8.32 9.94 2.70
CA ILE A 147 -6.89 9.80 2.39
C ILE A 147 -6.75 9.77 0.88
N THR A 148 -7.62 9.01 0.23
CA THR A 148 -7.57 8.86 -1.22
C THR A 148 -7.66 10.22 -1.91
N GLY A 149 -8.60 11.05 -1.48
CA GLY A 149 -8.74 12.37 -2.06
C GLY A 149 -7.49 13.23 -1.87
N MET A 150 -7.02 13.32 -0.64
CA MET A 150 -5.83 14.08 -0.32
C MET A 150 -4.66 13.69 -1.22
N VAL A 151 -4.41 12.39 -1.31
CA VAL A 151 -3.33 11.88 -2.14
C VAL A 151 -3.47 12.22 -3.62
N GLU A 152 -4.69 12.21 -4.15
CA GLU A 152 -4.90 12.53 -5.55
C GLU A 152 -4.61 14.03 -5.78
N ARG A 153 -5.21 14.85 -4.94
CA ARG A 153 -5.03 16.30 -5.03
C ARG A 153 -3.55 16.66 -4.93
N LEU A 154 -2.84 16.00 -4.03
CA LEU A 154 -1.40 16.20 -3.84
C LEU A 154 -0.58 15.82 -5.08
N CYS A 155 -0.90 14.69 -5.69
CA CYS A 155 -0.16 14.25 -6.88
C CYS A 155 -0.49 15.16 -8.05
N GLN A 156 -1.74 15.57 -8.14
CA GLN A 156 -2.19 16.46 -9.20
C GLN A 156 -1.43 17.79 -9.19
N ALA A 157 -1.26 18.37 -8.00
CA ALA A 157 -0.57 19.65 -7.88
C ALA A 157 0.96 19.58 -7.93
N PHE A 158 1.57 18.49 -7.51
CA PHE A 158 3.04 18.43 -7.53
C PHE A 158 3.68 17.28 -8.29
N GLY A 159 2.88 16.38 -8.83
CA GLY A 159 3.45 15.25 -9.56
C GLY A 159 3.50 15.43 -11.06
N PRO A 160 4.44 14.76 -11.75
CA PRO A 160 4.50 14.91 -13.20
C PRO A 160 3.24 14.41 -13.90
N ARG A 161 2.84 15.12 -14.94
CA ARG A 161 1.66 14.79 -15.72
C ARG A 161 1.90 13.62 -16.66
N LEU A 162 1.02 12.61 -16.58
CA LEU A 162 1.11 11.46 -17.45
C LEU A 162 0.03 11.64 -18.52
N ILE A 163 -0.60 10.56 -18.96
CA ILE A 163 -1.64 10.68 -19.98
C ILE A 163 -3.01 10.96 -19.38
N GLN A 164 -4.00 11.19 -20.25
CA GLN A 164 -5.37 11.50 -19.84
C GLN A 164 -6.33 10.48 -20.48
N LEU A 165 -7.27 9.96 -19.69
CA LEU A 165 -8.26 9.00 -20.21
C LEU A 165 -9.59 9.59 -19.78
N ASP A 166 -10.52 9.77 -20.72
CA ASP A 166 -11.81 10.41 -20.38
C ASP A 166 -11.42 11.75 -19.74
N ASP A 167 -12.00 12.08 -18.60
CA ASP A 167 -11.68 13.34 -17.92
C ASP A 167 -10.68 13.14 -16.76
N VAL A 168 -9.94 12.04 -16.78
CA VAL A 168 -8.98 11.78 -15.71
C VAL A 168 -7.57 11.97 -16.22
N THR A 169 -6.84 12.87 -15.60
CA THR A 169 -5.44 13.13 -15.95
C THR A 169 -4.61 12.45 -14.87
N TYR A 170 -3.84 11.43 -15.25
CA TYR A 170 -3.02 10.73 -14.28
C TYR A 170 -1.71 11.45 -14.01
N HIS A 171 -1.29 11.43 -12.76
CA HIS A 171 -0.04 12.06 -12.37
C HIS A 171 0.89 11.09 -11.68
N GLY A 172 2.19 11.24 -11.90
CA GLY A 172 3.13 10.38 -11.21
C GLY A 172 3.19 10.92 -9.80
N PHE A 173 3.74 10.16 -8.86
CA PHE A 173 3.84 10.64 -7.49
C PHE A 173 4.92 11.72 -7.42
N PRO A 174 4.71 12.79 -6.63
CA PRO A 174 5.67 13.89 -6.49
C PRO A 174 7.06 13.47 -6.00
N SER A 175 8.09 14.14 -6.48
CA SER A 175 9.46 13.86 -6.05
C SER A 175 9.73 14.55 -4.73
N LEU A 176 10.86 14.22 -4.13
CA LEU A 176 11.29 14.81 -2.86
C LEU A 176 11.50 16.32 -3.07
N GLN A 177 12.17 16.66 -4.18
CA GLN A 177 12.45 18.07 -4.48
C GLN A 177 11.19 18.90 -4.59
N ALA A 178 10.15 18.34 -5.22
CA ALA A 178 8.90 19.07 -5.36
C ALA A 178 8.21 19.26 -4.02
N LEU A 179 8.12 18.20 -3.23
CA LEU A 179 7.45 18.29 -1.93
C LEU A 179 8.23 19.15 -0.93
N ALA A 180 9.53 19.34 -1.17
CA ALA A 180 10.36 20.13 -0.29
C ALA A 180 10.37 21.61 -0.67
N GLY A 181 9.75 21.92 -1.81
CA GLY A 181 9.70 23.28 -2.31
C GLY A 181 9.06 24.35 -1.44
N PRO A 182 9.29 25.62 -1.79
CA PRO A 182 8.73 26.74 -1.05
C PRO A 182 7.22 26.87 -1.15
N GLU A 183 6.59 27.16 -0.01
CA GLU A 183 5.15 27.33 0.08
C GLU A 183 4.30 26.08 -0.19
N VAL A 184 4.92 24.92 -0.17
CA VAL A 184 4.18 23.68 -0.40
C VAL A 184 3.14 23.44 0.68
N GLU A 185 3.53 23.67 1.93
CA GLU A 185 2.60 23.47 3.04
C GLU A 185 1.32 24.28 2.85
N ALA A 186 1.46 25.58 2.59
CA ALA A 186 0.29 26.41 2.39
C ALA A 186 -0.56 25.88 1.23
N HIS A 187 0.11 25.45 0.17
CA HIS A 187 -0.63 24.94 -0.99
C HIS A 187 -1.39 23.67 -0.60
N LEU A 188 -0.75 22.82 0.21
CA LEU A 188 -1.37 21.58 0.66
C LEU A 188 -2.55 21.86 1.60
N ARG A 189 -2.46 22.92 2.39
CA ARG A 189 -3.57 23.26 3.28
C ARG A 189 -4.80 23.69 2.49
N LYS A 190 -4.57 24.39 1.37
CA LYS A 190 -5.68 24.81 0.50
C LYS A 190 -6.28 23.56 -0.15
N LEU A 191 -5.51 22.48 -0.16
CA LEU A 191 -6.00 21.23 -0.75
C LEU A 191 -6.67 20.38 0.32
N GLY A 192 -6.71 20.90 1.55
CA GLY A 192 -7.36 20.21 2.64
C GLY A 192 -6.61 19.14 3.40
N LEU A 193 -5.27 19.20 3.39
CA LEU A 193 -4.51 18.18 4.10
C LEU A 193 -4.42 18.44 5.59
N GLY A 194 -4.78 19.65 6.01
CA GLY A 194 -4.73 19.97 7.42
C GLY A 194 -3.30 20.01 7.95
N TYR A 195 -3.13 19.67 9.21
CA TYR A 195 -1.82 19.70 9.84
C TYR A 195 -0.83 18.74 9.14
N ARG A 196 -1.36 17.77 8.41
CA ARG A 196 -0.54 16.80 7.70
C ARG A 196 0.32 17.49 6.63
N ALA A 197 -0.15 18.64 6.18
CA ALA A 197 0.55 19.44 5.19
C ALA A 197 1.94 19.80 5.72
N ARG A 198 1.98 20.19 6.99
CA ARG A 198 3.23 20.56 7.66
C ARG A 198 4.21 19.40 7.64
N TYR A 199 3.71 18.20 7.91
CA TYR A 199 4.57 17.02 7.95
C TYR A 199 5.13 16.61 6.60
N VAL A 200 4.34 16.81 5.55
CA VAL A 200 4.79 16.45 4.22
C VAL A 200 5.99 17.33 3.89
N SER A 201 5.77 18.65 4.03
CA SER A 201 6.82 19.61 3.77
C SER A 201 8.05 19.30 4.64
N ALA A 202 7.85 19.17 5.94
CA ALA A 202 8.95 18.89 6.87
C ALA A 202 9.70 17.59 6.60
N SER A 203 9.00 16.50 6.28
CA SER A 203 9.72 15.27 5.99
C SER A 203 10.44 15.35 4.66
N ALA A 204 9.85 16.02 3.68
CA ALA A 204 10.52 16.14 2.40
C ALA A 204 11.87 16.84 2.63
N ARG A 205 11.86 17.94 3.38
CA ARG A 205 13.09 18.68 3.67
C ARG A 205 14.06 17.89 4.55
N ALA A 206 13.54 17.18 5.55
CA ALA A 206 14.39 16.41 6.44
C ALA A 206 15.18 15.37 5.67
N ILE A 207 14.52 14.69 4.75
CA ILE A 207 15.21 13.68 3.96
C ILE A 207 16.31 14.25 3.07
N LEU A 208 16.02 15.34 2.37
CA LEU A 208 17.00 15.94 1.48
C LEU A 208 18.08 16.77 2.18
N GLU A 209 17.72 17.47 3.25
CA GLU A 209 18.67 18.34 3.91
C GLU A 209 19.30 17.87 5.23
N GLU A 210 18.99 16.64 5.65
CA GLU A 210 19.55 16.14 6.90
C GLU A 210 19.90 14.66 6.90
N GLN A 211 19.14 13.87 6.15
CA GLN A 211 19.39 12.43 6.15
C GLN A 211 20.15 11.85 4.97
N GLY A 212 20.49 12.66 3.98
CA GLY A 212 21.24 12.14 2.86
C GLY A 212 20.46 11.83 1.58
N GLY A 213 19.25 12.35 1.49
CA GLY A 213 18.46 12.16 0.30
C GLY A 213 17.81 10.81 0.07
N LEU A 214 17.25 10.67 -1.13
CA LEU A 214 16.56 9.48 -1.57
C LEU A 214 17.35 8.20 -1.29
N ALA A 215 18.64 8.23 -1.60
CA ALA A 215 19.51 7.07 -1.38
C ALA A 215 19.41 6.58 0.05
N TRP A 216 19.24 7.50 0.99
CA TRP A 216 19.12 7.13 2.39
C TRP A 216 17.86 6.29 2.61
N LEU A 217 16.79 6.66 1.93
CA LEU A 217 15.52 5.95 2.06
C LEU A 217 15.61 4.57 1.40
N GLN A 218 16.00 4.57 0.13
CA GLN A 218 16.12 3.35 -0.64
C GLN A 218 17.07 2.30 -0.08
N GLN A 219 18.09 2.74 0.66
CA GLN A 219 19.04 1.80 1.23
C GLN A 219 18.46 1.02 2.42
N LEU A 220 17.31 1.47 2.93
CA LEU A 220 16.67 0.81 4.05
C LEU A 220 16.17 -0.58 3.65
N ARG A 221 15.94 -0.80 2.36
CA ARG A 221 15.50 -2.11 1.89
C ARG A 221 16.50 -3.21 2.25
N GLU A 222 17.78 -2.84 2.36
CA GLU A 222 18.82 -3.81 2.69
C GLU A 222 19.08 -3.88 4.20
N SER A 223 18.54 -2.91 4.94
CA SER A 223 18.71 -2.89 6.39
C SER A 223 17.66 -3.77 7.08
N SER A 224 17.98 -4.21 8.29
CA SER A 224 17.08 -5.05 9.07
C SER A 224 15.84 -4.23 9.45
N TYR A 225 14.75 -4.93 9.75
CA TYR A 225 13.51 -4.30 10.17
C TYR A 225 13.75 -3.35 11.35
N GLU A 226 14.53 -3.83 12.32
CA GLU A 226 14.86 -3.05 13.51
C GLU A 226 15.53 -1.72 13.12
N GLU A 227 16.55 -1.80 12.27
CA GLU A 227 17.27 -0.62 11.83
C GLU A 227 16.37 0.27 10.98
N ALA A 228 15.71 -0.34 9.99
CA ALA A 228 14.84 0.42 9.10
C ALA A 228 13.76 1.19 9.86
N HIS A 229 13.11 0.51 10.80
CA HIS A 229 12.04 1.14 11.56
C HIS A 229 12.52 2.30 12.43
N LYS A 230 13.71 2.17 13.01
CA LYS A 230 14.28 3.22 13.85
C LYS A 230 14.58 4.51 13.06
N ALA A 231 15.22 4.35 11.91
CA ALA A 231 15.54 5.49 11.07
C ALA A 231 14.29 6.28 10.65
N LEU A 232 13.25 5.56 10.20
CA LEU A 232 12.01 6.19 9.75
C LEU A 232 11.36 7.07 10.81
N CYS A 233 11.43 6.67 12.06
CA CYS A 233 10.84 7.45 13.14
C CYS A 233 11.55 8.80 13.37
N ILE A 234 12.63 9.06 12.65
CA ILE A 234 13.36 10.32 12.81
C ILE A 234 12.53 11.42 12.14
N LEU A 235 11.88 11.05 11.04
CA LEU A 235 11.07 11.96 10.24
C LEU A 235 9.84 12.56 10.89
N PRO A 236 9.57 13.85 10.63
CA PRO A 236 8.41 14.57 11.16
C PRO A 236 7.12 13.96 10.64
N GLY A 237 6.24 13.56 11.54
CA GLY A 237 4.96 12.98 11.15
C GLY A 237 4.99 11.47 11.07
N VAL A 238 6.16 10.87 11.28
CA VAL A 238 6.28 9.43 11.24
C VAL A 238 6.46 8.80 12.63
N GLY A 239 5.43 8.11 13.10
CA GLY A 239 5.50 7.45 14.38
C GLY A 239 5.73 5.97 14.17
N THR A 240 5.48 5.18 15.21
CA THR A 240 5.67 3.73 15.16
C THR A 240 4.80 3.06 14.09
N LYS A 241 3.55 3.50 13.98
CA LYS A 241 2.64 2.92 13.00
C LYS A 241 3.01 3.21 11.55
N VAL A 242 3.21 4.49 11.24
CA VAL A 242 3.54 4.90 9.87
C VAL A 242 4.79 4.16 9.43
N ALA A 243 5.78 4.10 10.32
CA ALA A 243 7.04 3.41 10.00
C ALA A 243 6.80 1.94 9.68
N ASP A 244 5.94 1.28 10.45
CA ASP A 244 5.65 -0.14 10.20
C ASP A 244 5.01 -0.31 8.83
N CYS A 245 4.01 0.51 8.53
CA CYS A 245 3.33 0.47 7.23
C CYS A 245 4.36 0.56 6.11
N ILE A 246 5.32 1.48 6.26
CA ILE A 246 6.36 1.68 5.26
C ILE A 246 7.31 0.47 5.20
N CYS A 247 7.69 -0.07 6.35
CA CYS A 247 8.57 -1.23 6.36
C CYS A 247 7.91 -2.42 5.68
N LEU A 248 6.64 -2.62 6.00
CA LEU A 248 5.85 -3.73 5.45
C LEU A 248 5.55 -3.59 3.97
N MET A 249 4.99 -2.45 3.60
CA MET A 249 4.58 -2.23 2.23
C MET A 249 5.60 -1.65 1.25
N ALA A 250 6.77 -1.22 1.73
CA ALA A 250 7.74 -0.63 0.82
C ALA A 250 9.21 -0.95 1.03
N LEU A 251 9.56 -1.57 2.16
CA LEU A 251 10.96 -1.90 2.43
C LEU A 251 11.25 -3.39 2.60
N ASP A 252 10.32 -4.21 2.13
CA ASP A 252 10.43 -5.67 2.18
C ASP A 252 10.61 -6.30 3.57
N LYS A 253 9.90 -5.79 4.56
CA LYS A 253 9.95 -6.33 5.92
C LYS A 253 8.59 -6.98 6.19
N PRO A 254 8.42 -8.24 5.75
CA PRO A 254 7.14 -8.95 5.95
C PRO A 254 6.71 -9.20 7.38
N GLN A 255 7.66 -9.21 8.32
CA GLN A 255 7.33 -9.46 9.71
C GLN A 255 6.77 -8.21 10.41
N ALA A 256 6.81 -7.08 9.70
CA ALA A 256 6.32 -5.81 10.24
C ALA A 256 4.79 -5.82 10.40
N VAL A 257 4.32 -5.46 11.59
CA VAL A 257 2.88 -5.44 11.88
C VAL A 257 2.40 -4.06 12.35
N PRO A 258 1.73 -3.31 11.48
CA PRO A 258 1.23 -1.98 11.86
C PRO A 258 0.10 -2.08 12.89
N VAL A 259 0.29 -1.50 14.07
CA VAL A 259 -0.74 -1.55 15.10
C VAL A 259 -1.53 -0.25 15.20
N ASP A 260 -2.78 -0.32 14.75
CA ASP A 260 -3.69 0.83 14.77
C ASP A 260 -4.93 0.41 15.54
N VAL A 261 -5.97 1.25 15.51
CA VAL A 261 -7.19 0.92 16.23
C VAL A 261 -7.81 -0.38 15.72
N HIS A 262 -7.85 -0.55 14.40
CA HIS A 262 -8.40 -1.76 13.81
C HIS A 262 -7.81 -3.01 14.46
N MET A 263 -6.48 -3.10 14.47
CA MET A 263 -5.82 -4.27 15.04
C MET A 263 -6.10 -4.45 16.52
N TRP A 264 -6.33 -3.36 17.25
CA TRP A 264 -6.62 -3.47 18.67
C TRP A 264 -7.98 -4.13 18.87
N HIS A 265 -8.95 -3.73 18.04
CA HIS A 265 -10.29 -4.29 18.13
C HIS A 265 -10.26 -5.77 17.76
N ILE A 266 -9.45 -6.11 16.76
CA ILE A 266 -9.32 -7.49 16.32
C ILE A 266 -8.71 -8.36 17.42
N ALA A 267 -7.59 -7.91 17.98
CA ALA A 267 -6.91 -8.64 19.05
C ALA A 267 -7.85 -8.97 20.23
N GLN A 268 -8.61 -7.98 20.66
CA GLN A 268 -9.53 -8.14 21.79
C GLN A 268 -10.72 -9.04 21.49
N ARG A 269 -11.37 -8.79 20.37
CA ARG A 269 -12.55 -9.57 19.99
C ARG A 269 -12.28 -11.00 19.56
N ASP A 270 -11.28 -11.21 18.70
CA ASP A 270 -11.00 -12.55 18.18
C ASP A 270 -9.92 -13.36 18.88
N TYR A 271 -9.11 -12.72 19.73
CA TYR A 271 -8.07 -13.44 20.43
C TYR A 271 -8.14 -13.23 21.95
N SER A 272 -9.06 -12.37 22.38
CA SER A 272 -9.25 -12.04 23.79
C SER A 272 -7.95 -11.54 24.41
N TRP A 273 -7.14 -10.90 23.57
CA TRP A 273 -5.85 -10.37 23.98
C TRP A 273 -5.89 -9.23 25.01
N HIS A 274 -4.86 -9.22 25.87
CA HIS A 274 -4.68 -8.21 26.89
C HIS A 274 -3.18 -8.03 27.09
N PRO A 275 -2.73 -6.78 27.29
CA PRO A 275 -1.31 -6.47 27.51
C PRO A 275 -0.78 -7.18 28.75
N THR A 276 0.45 -7.68 28.68
CA THR A 276 1.06 -8.41 29.79
C THR A 276 2.13 -7.58 30.51
N THR A 277 3.24 -7.38 29.80
CA THR A 277 4.39 -6.64 30.31
C THR A 277 4.20 -5.13 30.33
N SER A 278 3.07 -4.66 29.81
CA SER A 278 2.82 -3.22 29.79
C SER A 278 1.82 -2.77 30.85
N GLN A 279 1.91 -1.49 31.20
CA GLN A 279 1.06 -0.89 32.22
C GLN A 279 -0.39 -0.64 31.79
N ALA A 280 -0.55 0.29 30.84
CA ALA A 280 -1.85 0.67 30.32
C ALA A 280 -2.79 -0.48 30.00
N LYS A 281 -4.10 -0.21 30.10
CA LYS A 281 -5.13 -1.20 29.81
C LYS A 281 -5.52 -1.04 28.34
N GLY A 282 -5.13 0.10 27.77
CA GLY A 282 -5.45 0.38 26.39
C GLY A 282 -4.23 0.80 25.56
N PRO A 283 -4.44 1.37 24.37
CA PRO A 283 -3.39 1.83 23.45
C PRO A 283 -2.39 2.83 24.02
N SER A 284 -1.11 2.50 23.89
CA SER A 284 -0.04 3.36 24.36
C SER A 284 1.21 2.83 23.66
N PRO A 285 2.28 3.65 23.60
CA PRO A 285 3.48 3.16 22.92
C PRO A 285 3.98 1.79 23.39
N GLN A 286 3.84 1.49 24.69
CA GLN A 286 4.29 0.20 25.21
C GLN A 286 3.35 -0.94 24.85
N THR A 287 2.04 -0.71 24.96
CA THR A 287 1.08 -1.74 24.63
C THR A 287 1.03 -2.02 23.13
N ASN A 288 1.17 -0.98 22.32
CA ASN A 288 1.14 -1.17 20.89
C ASN A 288 2.34 -2.00 20.44
N LYS A 289 3.50 -1.74 21.04
CA LYS A 289 4.70 -2.48 20.68
C LYS A 289 4.52 -3.96 21.06
N GLU A 290 3.94 -4.19 22.23
CA GLU A 290 3.72 -5.56 22.69
C GLU A 290 2.77 -6.32 21.77
N LEU A 291 1.69 -5.66 21.33
CA LEU A 291 0.73 -6.30 20.46
C LEU A 291 1.38 -6.75 19.15
N GLY A 292 2.25 -5.92 18.58
CA GLY A 292 2.91 -6.31 17.34
C GLY A 292 3.72 -7.58 17.56
N ASN A 293 4.36 -7.68 18.73
CA ASN A 293 5.16 -8.85 19.09
C ASN A 293 4.27 -10.08 19.24
N PHE A 294 3.08 -9.88 19.79
CA PHE A 294 2.13 -10.97 19.96
C PHE A 294 1.80 -11.61 18.60
N PHE A 295 1.47 -10.77 17.62
CA PHE A 295 1.14 -11.27 16.29
C PHE A 295 2.33 -11.84 15.56
N ARG A 296 3.51 -11.31 15.85
CA ARG A 296 4.70 -11.84 15.21
C ARG A 296 4.98 -13.25 15.71
N SER A 297 4.84 -13.45 17.03
CA SER A 297 5.11 -14.78 17.57
C SER A 297 4.03 -15.76 17.18
N LEU A 298 2.83 -15.25 16.91
CA LEU A 298 1.73 -16.11 16.52
C LEU A 298 1.81 -16.54 15.04
N TRP A 299 2.04 -15.59 14.15
CA TRP A 299 2.08 -15.86 12.72
C TRP A 299 3.45 -16.09 12.08
N GLY A 300 4.51 -15.60 12.70
CA GLY A 300 5.83 -15.82 12.12
C GLY A 300 6.39 -14.68 11.27
N PRO A 301 7.41 -14.96 10.45
CA PRO A 301 8.15 -14.07 9.55
C PRO A 301 7.29 -13.20 8.62
N TYR A 302 6.07 -13.62 8.32
CA TYR A 302 5.19 -12.85 7.45
C TYR A 302 3.95 -12.35 8.19
N ALA A 303 4.08 -12.13 9.49
CA ALA A 303 2.96 -11.65 10.28
C ALA A 303 2.25 -10.48 9.60
N GLY A 304 3.03 -9.58 9.00
CA GLY A 304 2.45 -8.43 8.31
C GLY A 304 1.44 -8.79 7.23
N TRP A 305 1.76 -9.80 6.45
CA TRP A 305 0.85 -10.25 5.40
C TRP A 305 -0.41 -10.85 6.02
N ALA A 306 -0.24 -11.63 7.08
CA ALA A 306 -1.39 -12.24 7.76
C ALA A 306 -2.29 -11.11 8.24
N GLN A 307 -1.67 -10.08 8.80
CA GLN A 307 -2.37 -8.91 9.30
C GLN A 307 -3.23 -8.33 8.17
N ALA A 308 -2.68 -8.25 6.97
CA ALA A 308 -3.43 -7.71 5.84
C ALA A 308 -4.71 -8.50 5.56
N VAL A 309 -4.64 -9.83 5.68
CA VAL A 309 -5.81 -10.66 5.44
C VAL A 309 -6.95 -10.34 6.40
N LEU A 310 -6.64 -10.23 7.69
CA LEU A 310 -7.68 -9.92 8.66
C LEU A 310 -8.07 -8.43 8.55
N PHE A 311 -7.07 -7.56 8.48
CA PHE A 311 -7.32 -6.12 8.38
C PHE A 311 -8.23 -5.84 7.20
N SER A 312 -7.97 -6.51 6.09
CA SER A 312 -8.77 -6.37 4.87
C SER A 312 -10.17 -6.96 5.06
N ALA A 313 -10.25 -8.13 5.67
CA ALA A 313 -11.53 -8.77 5.91
C ALA A 313 -12.31 -8.05 6.99
N ASP A 314 -11.62 -7.21 7.75
CA ASP A 314 -12.26 -6.45 8.83
C ASP A 314 -12.94 -5.22 8.25
N LEU A 315 -12.29 -4.58 7.29
CA LEU A 315 -12.85 -3.39 6.64
C LEU A 315 -14.13 -3.75 5.90
N ARG A 316 -14.30 -5.04 5.60
CA ARG A 316 -15.48 -5.51 4.90
C ARG A 316 -16.73 -5.51 5.77
N GLN A 317 -16.62 -4.95 6.97
CA GLN A 317 -17.75 -4.87 7.87
C GLN A 317 -18.28 -3.44 7.80
#